data_2XU4
#
_entry.id   2XU4
#
_cell.length_a   85.362
_cell.length_b   85.362
_cell.length_c   50.212
_cell.angle_alpha   90.00
_cell.angle_beta   90.00
_cell.angle_gamma   120.00
#
_symmetry.space_group_name_H-M   'P 65'
#
loop_
_entity.id
_entity.type
_entity.pdbx_description
1 polymer 'CATHEPSIN L1'
2 non-polymer (2S,4R)-4-(2-chlorophenyl)sulfonyl-1-[1-(4-fluorophenyl)cyclopropyl]carbonyl-N-[1-(iminomethyl)cyclopropyl]pyrrolidine-2-carboxamide
3 non-polymer GLYCEROL
4 water water
#
_entity_poly.entity_id   1
_entity_poly.type   'polypeptide(L)'
_entity_poly.pdbx_seq_one_letter_code
;APRSVDWREKGYVTPVKNQGQCGSCWAFSATGALEGQMFRKTGRLISLSEQNLVDCSGPQGNEGCNGGLMDYAFQYVQDN
GGLDSEESYPYEATEESCKYNPKYSVANDTGFVDIPKQEKALMKAVATVGPISVAIDAGHESFLFYKEGIYFEPDCSSED
MDHGVLVVGYGFESTESDNNKYWLVKNSWGEEWGMGGYVKMAKDRRNHCGIASAASYPTV
;
_entity_poly.pdbx_strand_id   A
#
# COMPACT_ATOMS: atom_id res chain seq x y z
N ALA A 1 -10.40 -11.77 15.77
CA ALA A 1 -9.03 -11.26 15.47
C ALA A 1 -8.42 -10.63 16.72
N PRO A 2 -7.09 -10.42 16.74
CA PRO A 2 -6.51 -9.67 17.84
C PRO A 2 -7.09 -8.25 17.92
N ARG A 3 -6.94 -7.60 19.06
CA ARG A 3 -7.40 -6.23 19.25
C ARG A 3 -6.42 -5.21 18.68
N SER A 4 -5.18 -5.62 18.48
CA SER A 4 -4.16 -4.81 17.82
C SER A 4 -3.18 -5.66 17.07
N VAL A 5 -2.73 -5.14 15.93
CA VAL A 5 -1.78 -5.79 15.05
C VAL A 5 -0.84 -4.70 14.55
N ASP A 6 0.44 -5.01 14.48
CA ASP A 6 1.43 -4.08 13.90
C ASP A 6 2.55 -4.86 13.24
N TRP A 7 2.44 -5.09 11.93
CA TRP A 7 3.41 -5.85 11.18
C TRP A 7 4.79 -5.20 11.14
N ARG A 8 4.85 -3.89 11.36
CA ARG A 8 6.16 -3.24 11.43
C ARG A 8 7.03 -3.86 12.51
N GLU A 9 6.42 -4.21 13.63
CA GLU A 9 7.14 -4.78 14.77
C GLU A 9 7.71 -6.18 14.52
N LYS A 10 7.21 -6.83 13.47
CA LYS A 10 7.64 -8.16 13.06
C LYS A 10 8.59 -8.14 11.88
N GLY A 11 8.97 -6.95 11.38
CA GLY A 11 9.93 -6.85 10.31
C GLY A 11 9.37 -6.94 8.90
N TYR A 12 8.06 -6.71 8.75
CA TYR A 12 7.39 -6.89 7.44
C TYR A 12 7.45 -5.67 6.52
N VAL A 13 7.90 -4.52 7.05
CA VAL A 13 7.65 -3.25 6.40
C VAL A 13 8.92 -2.44 6.19
N THR A 14 9.17 -2.02 4.96
CA THR A 14 10.30 -1.16 4.66
C THR A 14 10.04 0.26 5.19
N PRO A 15 11.08 1.08 5.35
CA PRO A 15 10.85 2.46 5.75
C PRO A 15 9.96 3.24 4.76
N VAL A 16 9.41 4.33 5.25
CA VAL A 16 8.56 5.19 4.43
C VAL A 16 9.37 5.76 3.26
N LYS A 17 8.75 5.69 2.10
CA LYS A 17 9.32 6.16 0.84
C LYS A 17 8.56 7.42 0.42
N ASN A 18 9.04 8.04 -0.66
CA ASN A 18 8.49 9.30 -1.16
C ASN A 18 8.33 9.26 -2.67
N GLN A 19 7.08 9.27 -3.12
CA GLN A 19 6.78 9.22 -4.55
C GLN A 19 7.14 10.53 -5.26
N GLY A 20 7.31 11.62 -4.53
CA GLY A 20 7.67 12.87 -5.20
C GLY A 20 6.57 13.31 -6.15
N GLN A 21 6.98 13.96 -7.23
CA GLN A 21 6.04 14.58 -8.18
C GLN A 21 5.81 13.62 -9.34
N CYS A 22 5.29 12.47 -8.98
CA CYS A 22 4.90 11.44 -9.92
C CYS A 22 3.70 10.77 -9.27
N GLY A 23 2.65 10.54 -10.06
CA GLY A 23 1.43 9.90 -9.58
C GLY A 23 1.51 8.39 -9.49
N SER A 24 2.45 7.92 -8.65
CA SER A 24 2.84 6.51 -8.55
C SER A 24 2.42 5.90 -7.24
N CYS A 25 1.47 6.51 -6.55
CA CYS A 25 1.01 5.98 -5.25
C CYS A 25 0.68 4.48 -5.31
N TRP A 26 -0.02 4.08 -6.36
CA TRP A 26 -0.41 2.69 -6.58
C TRP A 26 0.83 1.76 -6.60
N ALA A 27 1.96 2.23 -7.13
CA ALA A 27 3.16 1.42 -7.24
C ALA A 27 3.78 1.22 -5.85
N PHE A 28 3.72 2.25 -5.01
CA PHE A 28 4.24 2.15 -3.64
C PHE A 28 3.33 1.25 -2.80
N SER A 29 2.01 1.37 -2.94
CA SER A 29 1.07 0.48 -2.26
C SER A 29 1.37 -1.00 -2.65
N ALA A 30 1.62 -1.23 -3.93
CA ALA A 30 1.82 -2.59 -4.43
C ALA A 30 3.17 -3.14 -3.98
N THR A 31 4.23 -2.33 -4.03
CA THR A 31 5.53 -2.82 -3.53
C THR A 31 5.45 -3.07 -2.03
N GLY A 32 4.72 -2.26 -1.29
CA GLY A 32 4.58 -2.47 0.13
C GLY A 32 3.95 -3.84 0.42
N ALA A 33 2.87 -4.13 -0.29
CA ALA A 33 2.14 -5.38 -0.02
C ALA A 33 3.04 -6.56 -0.42
N LEU A 34 3.74 -6.46 -1.56
CA LEU A 34 4.57 -7.53 -2.04
C LEU A 34 5.81 -7.70 -1.14
N GLU A 35 6.37 -6.61 -0.62
CA GLU A 35 7.44 -6.67 0.38
C GLU A 35 7.01 -7.49 1.58
N GLY A 36 5.81 -7.25 2.08
CA GLY A 36 5.25 -8.00 3.18
C GLY A 36 5.09 -9.48 2.89
N GLN A 37 4.53 -9.81 1.74
CA GLN A 37 4.23 -11.20 1.43
C GLN A 37 5.52 -11.96 1.10
N MET A 38 6.49 -11.30 0.48
CA MET A 38 7.79 -11.92 0.25
C MET A 38 8.50 -12.20 1.58
N PHE A 39 8.39 -11.27 2.52
CA PHE A 39 8.92 -11.46 3.88
C PHE A 39 8.26 -12.65 4.58
N ARG A 40 6.94 -12.71 4.53
N ARG A 40 6.93 -12.74 4.50
CA ARG A 40 6.20 -13.85 5.08
CA ARG A 40 6.19 -13.85 5.09
C ARG A 40 6.80 -15.15 4.55
C ARG A 40 6.60 -15.21 4.52
N LYS A 41 6.90 -15.23 3.22
CA LYS A 41 7.30 -16.43 2.53
C LYS A 41 8.76 -16.82 2.81
N THR A 42 9.68 -15.85 2.79
CA THR A 42 11.13 -16.11 2.76
C THR A 42 11.92 -15.72 4.03
N GLY A 43 11.32 -14.87 4.86
CA GLY A 43 12.04 -14.28 5.98
C GLY A 43 13.03 -13.17 5.64
N ARG A 44 13.06 -12.73 4.37
CA ARG A 44 13.99 -11.66 3.93
C ARG A 44 13.16 -10.47 3.46
N LEU A 45 13.43 -9.30 4.04
CA LEU A 45 12.83 -8.05 3.61
C LEU A 45 13.72 -7.36 2.60
N ILE A 46 13.24 -7.25 1.36
CA ILE A 46 13.97 -6.58 0.30
C ILE A 46 13.07 -5.51 -0.33
N SER A 47 13.56 -4.27 -0.30
CA SER A 47 12.83 -3.17 -0.90
C SER A 47 12.72 -3.39 -2.42
N LEU A 48 11.51 -3.18 -2.93
CA LEU A 48 11.18 -3.45 -4.33
C LEU A 48 11.03 -2.17 -5.16
N SER A 49 11.18 -2.34 -6.47
CA SER A 49 11.25 -1.21 -7.41
C SER A 49 9.89 -0.69 -7.87
N GLU A 50 9.46 0.45 -7.35
CA GLU A 50 8.31 1.16 -7.90
C GLU A 50 8.56 1.60 -9.34
N GLN A 51 9.77 2.02 -9.66
CA GLN A 51 10.07 2.47 -11.02
C GLN A 51 9.83 1.36 -12.05
N ASN A 52 10.20 0.14 -11.70
CA ASN A 52 9.92 -1.03 -12.54
C ASN A 52 8.41 -1.13 -12.83
N LEU A 53 7.59 -0.93 -11.81
CA LEU A 53 6.14 -0.95 -12.04
C LEU A 53 5.68 0.23 -12.91
N VAL A 54 6.18 1.41 -12.61
CA VAL A 54 5.80 2.62 -13.34
C VAL A 54 6.11 2.46 -14.83
N ASP A 55 7.31 1.99 -15.14
CA ASP A 55 7.82 1.91 -16.51
C ASP A 55 7.24 0.76 -17.32
N CYS A 56 6.87 -0.33 -16.66
CA CYS A 56 6.69 -1.61 -17.34
C CYS A 56 5.29 -2.20 -17.28
N SER A 57 4.40 -1.70 -16.42
CA SER A 57 3.10 -2.34 -16.24
C SER A 57 1.95 -1.67 -17.01
N GLY A 58 2.28 -0.93 -18.05
CA GLY A 58 1.29 -0.42 -18.98
C GLY A 58 0.41 -1.52 -19.59
N PRO A 59 1.04 -2.64 -20.05
CA PRO A 59 0.21 -3.66 -20.70
C PRO A 59 -0.93 -4.16 -19.82
N GLN A 60 -0.69 -4.18 -18.50
CA GLN A 60 -1.68 -4.64 -17.54
C GLN A 60 -2.76 -3.61 -17.21
N GLY A 61 -2.56 -2.38 -17.65
CA GLY A 61 -3.52 -1.30 -17.44
C GLY A 61 -3.03 -0.11 -16.63
N ASN A 62 -1.81 -0.14 -16.13
CA ASN A 62 -1.33 1.01 -15.36
C ASN A 62 -0.91 2.14 -16.27
N GLU A 63 -0.83 3.33 -15.68
CA GLU A 63 -0.64 4.58 -16.46
C GLU A 63 0.56 5.37 -15.95
N GLY A 64 1.58 4.67 -15.47
CA GLY A 64 2.83 5.33 -15.12
C GLY A 64 2.67 6.32 -13.99
N CYS A 65 3.22 7.53 -14.18
CA CYS A 65 3.06 8.62 -13.23
C CYS A 65 1.68 9.27 -13.26
N ASN A 66 0.76 8.71 -14.05
CA ASN A 66 -0.59 9.25 -14.09
C ASN A 66 -1.62 8.52 -13.25
N GLY A 67 -1.24 7.35 -12.72
CA GLY A 67 -2.14 6.56 -11.90
C GLY A 67 -2.13 5.09 -12.30
N GLY A 68 -2.84 4.30 -11.50
CA GLY A 68 -2.82 2.87 -11.70
C GLY A 68 -3.52 2.16 -10.59
N LEU A 69 -3.56 0.83 -10.70
N LEU A 69 -3.54 0.83 -10.70
CA LEU A 69 -4.24 -0.04 -9.76
CA LEU A 69 -4.23 -0.04 -9.77
C LEU A 69 -3.26 -1.08 -9.20
C LEU A 69 -3.25 -1.06 -9.20
N MET A 70 -3.34 -1.29 -7.89
CA MET A 70 -2.47 -2.26 -7.25
C MET A 70 -2.63 -3.66 -7.81
N ASP A 71 -3.87 -4.06 -8.13
CA ASP A 71 -4.09 -5.39 -8.72
C ASP A 71 -3.41 -5.52 -10.08
N TYR A 72 -3.39 -4.45 -10.88
CA TYR A 72 -2.68 -4.50 -12.16
C TYR A 72 -1.18 -4.68 -11.94
N ALA A 73 -0.64 -4.03 -10.90
CA ALA A 73 0.76 -4.24 -10.52
C ALA A 73 1.05 -5.72 -10.13
N PHE A 74 0.16 -6.29 -9.32
CA PHE A 74 0.31 -7.70 -8.95
C PHE A 74 0.21 -8.60 -10.18
N GLN A 75 -0.69 -8.28 -11.10
CA GLN A 75 -0.78 -9.00 -12.35
C GLN A 75 0.50 -8.90 -13.19
N TYR A 76 1.08 -7.69 -13.28
CA TYR A 76 2.35 -7.51 -14.00
C TYR A 76 3.41 -8.46 -13.44
N VAL A 77 3.54 -8.50 -12.12
CA VAL A 77 4.62 -9.29 -11.53
C VAL A 77 4.47 -10.77 -11.92
N GLN A 78 3.24 -11.26 -11.89
CA GLN A 78 2.93 -12.62 -12.30
C GLN A 78 3.22 -12.83 -13.78
N ASP A 79 2.67 -11.95 -14.63
CA ASP A 79 2.86 -12.06 -16.08
C ASP A 79 4.34 -12.03 -16.47
N ASN A 80 5.08 -11.15 -15.78
CA ASN A 80 6.46 -10.84 -16.09
C ASN A 80 7.43 -11.87 -15.53
N GLY A 81 6.97 -12.66 -14.58
CA GLY A 81 7.82 -13.64 -13.92
C GLY A 81 8.83 -13.03 -12.96
N GLY A 82 8.59 -11.81 -12.48
CA GLY A 82 9.55 -11.18 -11.58
C GLY A 82 9.36 -9.68 -11.43
N LEU A 83 10.10 -9.15 -10.47
CA LEU A 83 10.17 -7.72 -10.20
C LEU A 83 11.53 -7.41 -9.62
N ASP A 84 12.16 -6.37 -10.14
CA ASP A 84 13.48 -5.97 -9.68
C ASP A 84 13.46 -5.32 -8.29
N SER A 85 14.63 -5.39 -7.64
CA SER A 85 14.84 -4.70 -6.37
C SER A 85 14.93 -3.18 -6.54
N GLU A 86 14.56 -2.48 -5.48
CA GLU A 86 14.74 -1.02 -5.44
C GLU A 86 16.20 -0.64 -5.75
N GLU A 87 17.14 -1.36 -5.16
CA GLU A 87 18.55 -1.02 -5.35
C GLU A 87 18.98 -1.17 -6.82
N SER A 88 18.46 -2.19 -7.51
CA SER A 88 18.85 -2.47 -8.89
C SER A 88 18.15 -1.54 -9.89
N TYR A 89 17.00 -0.98 -9.52
CA TYR A 89 16.17 -0.24 -10.47
C TYR A 89 15.56 0.91 -9.68
N PRO A 90 16.41 1.92 -9.42
CA PRO A 90 16.01 2.94 -8.47
C PRO A 90 14.91 3.90 -8.91
N TYR A 91 14.30 4.54 -7.94
CA TYR A 91 13.13 5.40 -8.17
C TYR A 91 13.53 6.78 -8.70
N GLU A 92 12.97 7.16 -9.85
CA GLU A 92 13.27 8.43 -10.51
C GLU A 92 12.11 9.41 -10.58
N ALA A 93 10.90 8.98 -10.22
CA ALA A 93 9.71 9.86 -10.22
C ALA A 93 9.43 10.48 -11.60
N THR A 94 9.68 9.72 -12.65
CA THR A 94 9.30 10.13 -14.00
C THR A 94 9.13 8.89 -14.87
N GLU A 95 8.43 8.99 -16.01
CA GLU A 95 8.25 7.83 -16.86
C GLU A 95 9.42 7.71 -17.83
N GLU A 96 9.80 6.48 -18.08
CA GLU A 96 10.92 6.20 -18.95
C GLU A 96 10.66 4.81 -19.51
N SER A 97 11.51 4.38 -20.44
CA SER A 97 11.41 3.07 -21.03
C SER A 97 11.56 1.96 -19.98
N CYS A 98 10.86 0.85 -20.19
CA CYS A 98 10.99 -0.31 -19.31
C CYS A 98 12.38 -0.88 -19.39
N LYS A 99 13.02 -1.00 -18.22
CA LYS A 99 14.38 -1.47 -18.11
C LYS A 99 14.44 -2.72 -17.23
N TYR A 100 13.34 -3.43 -17.11
CA TYR A 100 13.32 -4.68 -16.31
C TYR A 100 14.42 -5.61 -16.78
N ASN A 101 15.16 -6.15 -15.81
CA ASN A 101 16.19 -7.17 -16.09
C ASN A 101 15.91 -8.36 -15.19
N PRO A 102 15.61 -9.54 -15.76
CA PRO A 102 15.31 -10.69 -14.91
C PRO A 102 16.45 -11.10 -13.98
N LYS A 103 17.69 -10.78 -14.35
N LYS A 103 17.70 -10.80 -14.33
CA LYS A 103 18.86 -11.07 -13.51
CA LYS A 103 18.83 -11.13 -13.47
C LYS A 103 18.74 -10.41 -12.12
C LYS A 103 18.73 -10.42 -12.11
N TYR A 104 18.00 -9.32 -12.03
CA TYR A 104 17.87 -8.57 -10.77
C TYR A 104 16.53 -8.75 -10.10
N SER A 105 15.75 -9.73 -10.55
CA SER A 105 14.46 -9.99 -9.93
C SER A 105 14.66 -10.58 -8.53
N VAL A 106 13.90 -10.08 -7.56
CA VAL A 106 13.95 -10.56 -6.19
C VAL A 106 12.56 -10.94 -5.65
N ALA A 107 11.51 -10.82 -6.45
CA ALA A 107 10.16 -11.10 -5.99
C ALA A 107 9.35 -11.70 -7.12
N ASN A 108 8.30 -12.40 -6.75
CA ASN A 108 7.39 -13.03 -7.69
C ASN A 108 6.02 -13.04 -7.04
N ASP A 109 4.99 -13.23 -7.85
CA ASP A 109 3.67 -13.49 -7.26
C ASP A 109 2.83 -14.32 -8.24
N THR A 110 1.81 -14.96 -7.68
CA THR A 110 0.98 -15.95 -8.37
C THR A 110 -0.44 -15.46 -8.58
N GLY A 111 -0.64 -14.16 -8.45
CA GLY A 111 -1.96 -13.56 -8.54
C GLY A 111 -2.19 -12.68 -7.33
N PHE A 112 -3.46 -12.49 -7.02
CA PHE A 112 -3.90 -11.63 -5.94
C PHE A 112 -5.29 -11.99 -5.43
N VAL A 113 -5.61 -11.50 -4.23
CA VAL A 113 -6.88 -11.69 -3.59
C VAL A 113 -7.50 -10.32 -3.34
N ASP A 114 -8.76 -10.16 -3.74
CA ASP A 114 -9.57 -8.97 -3.45
C ASP A 114 -10.42 -9.28 -2.24
N ILE A 115 -10.34 -8.44 -1.22
CA ILE A 115 -10.99 -8.67 0.05
C ILE A 115 -12.44 -8.17 0.01
N PRO A 116 -13.42 -8.91 0.62
CA PRO A 116 -14.78 -8.35 0.71
C PRO A 116 -14.81 -6.94 1.28
N LYS A 117 -15.77 -6.14 0.78
CA LYS A 117 -15.82 -4.69 1.04
C LYS A 117 -16.47 -4.34 2.39
N GLN A 118 -15.85 -4.88 3.44
CA GLN A 118 -16.28 -4.64 4.80
C GLN A 118 -15.04 -4.53 5.67
N GLU A 119 -15.12 -3.70 6.69
CA GLU A 119 -14.00 -3.52 7.59
C GLU A 119 -13.72 -4.76 8.45
N LYS A 120 -14.73 -5.56 8.77
CA LYS A 120 -14.48 -6.84 9.47
C LYS A 120 -13.59 -7.76 8.65
N ALA A 121 -13.88 -7.87 7.35
CA ALA A 121 -13.08 -8.70 6.46
C ALA A 121 -11.67 -8.14 6.32
N LEU A 122 -11.55 -6.82 6.20
CA LEU A 122 -10.23 -6.21 6.11
C LEU A 122 -9.43 -6.50 7.37
N MET A 123 -10.06 -6.40 8.54
CA MET A 123 -9.35 -6.71 9.78
C MET A 123 -8.86 -8.15 9.81
N LYS A 124 -9.73 -9.08 9.39
N LYS A 124 -9.73 -9.08 9.44
CA LYS A 124 -9.38 -10.51 9.29
CA LYS A 124 -9.34 -10.46 9.55
C LYS A 124 -8.14 -10.66 8.50
C LYS A 124 -8.26 -10.81 8.45
N ALA A 125 -8.17 -10.06 7.34
CA ALA A 125 -7.07 -10.19 6.38
C ALA A 125 -5.78 -9.61 6.95
N VAL A 126 -5.85 -8.41 7.52
CA VAL A 126 -4.65 -7.81 8.11
C VAL A 126 -4.10 -8.72 9.20
N ALA A 127 -4.97 -9.28 10.03
CA ALA A 127 -4.55 -10.09 11.16
C ALA A 127 -3.82 -11.38 10.73
N THR A 128 -4.22 -11.94 9.59
CA THR A 128 -3.67 -13.23 9.11
C THR A 128 -2.57 -13.19 8.03
N VAL A 129 -2.66 -12.24 7.10
CA VAL A 129 -1.86 -12.21 5.89
C VAL A 129 -0.62 -11.36 6.08
N GLY A 130 -0.77 -10.16 6.65
CA GLY A 130 0.28 -9.15 6.61
C GLY A 130 -0.31 -7.83 6.12
N PRO A 131 0.58 -6.90 5.73
CA PRO A 131 0.16 -5.64 5.17
C PRO A 131 -0.70 -5.79 3.90
N ILE A 132 -1.69 -4.94 3.79
CA ILE A 132 -2.73 -5.03 2.75
C ILE A 132 -2.81 -3.71 1.95
N SER A 133 -2.79 -3.82 0.63
CA SER A 133 -3.01 -2.64 -0.23
C SER A 133 -4.44 -2.17 -0.10
N VAL A 134 -4.64 -0.87 0.08
CA VAL A 134 -5.98 -0.29 0.14
C VAL A 134 -6.04 1.01 -0.67
N ALA A 135 -7.25 1.28 -1.15
CA ALA A 135 -7.65 2.55 -1.75
C ALA A 135 -8.31 3.40 -0.70
N ILE A 136 -7.98 4.70 -0.68
CA ILE A 136 -8.66 5.65 0.20
C ILE A 136 -9.01 6.96 -0.53
N ASP A 137 -9.98 7.68 0.00
CA ASP A 137 -10.25 9.07 -0.41
C ASP A 137 -9.31 9.98 0.40
N ALA A 138 -8.20 10.38 -0.24
CA ALA A 138 -7.20 11.27 0.35
C ALA A 138 -7.32 12.71 -0.17
N GLY A 139 -8.34 12.97 -0.97
CA GLY A 139 -8.51 14.28 -1.61
C GLY A 139 -9.17 15.33 -0.74
N HIS A 140 -8.45 15.70 0.31
CA HIS A 140 -8.95 16.61 1.32
C HIS A 140 -7.80 17.37 1.92
N GLU A 141 -7.95 18.67 2.14
CA GLU A 141 -6.90 19.44 2.80
C GLU A 141 -6.57 18.88 4.17
N SER A 142 -7.56 18.33 4.86
CA SER A 142 -7.31 17.74 6.18
C SER A 142 -6.32 16.59 6.10
N PHE A 143 -6.32 15.85 5.00
CA PHE A 143 -5.37 14.76 4.78
C PHE A 143 -4.02 15.27 4.34
N LEU A 144 -4.01 16.21 3.39
CA LEU A 144 -2.74 16.74 2.91
C LEU A 144 -1.93 17.36 4.06
N PHE A 145 -2.63 18.00 5.00
CA PHE A 145 -2.03 18.71 6.14
C PHE A 145 -2.12 17.92 7.46
N TYR A 146 -2.47 16.64 7.38
CA TYR A 146 -2.51 15.77 8.56
C TYR A 146 -1.14 15.67 9.25
N LYS A 147 -1.19 15.72 10.57
CA LYS A 147 0.00 15.63 11.42
C LYS A 147 -0.09 14.52 12.48
N GLU A 148 -1.20 14.47 13.25
CA GLU A 148 -1.29 13.65 14.47
C GLU A 148 -2.68 13.11 14.74
N GLY A 149 -2.72 11.94 15.36
CA GLY A 149 -3.95 11.40 15.93
C GLY A 149 -4.76 10.63 14.93
N ILE A 150 -6.00 10.37 15.29
CA ILE A 150 -6.84 9.54 14.44
C ILE A 150 -7.53 10.47 13.45
N TYR A 151 -7.31 10.19 12.17
CA TYR A 151 -7.83 10.96 11.07
C TYR A 151 -9.31 10.62 10.84
N PHE A 152 -10.15 11.64 10.87
CA PHE A 152 -11.57 11.56 10.56
C PHE A 152 -11.93 12.83 9.79
N GLU A 153 -12.51 12.65 8.62
CA GLU A 153 -12.90 13.74 7.74
C GLU A 153 -14.40 13.58 7.44
N PRO A 154 -15.26 14.49 7.95
CA PRO A 154 -16.71 14.34 7.75
C PRO A 154 -17.12 14.25 6.28
N ASP A 155 -16.37 14.90 5.38
CA ASP A 155 -16.71 14.89 3.95
C ASP A 155 -15.98 13.77 3.17
N CYS A 156 -15.46 12.73 3.84
CA CYS A 156 -14.80 11.64 3.15
C CYS A 156 -15.84 10.78 2.44
N SER A 157 -15.41 10.21 1.32
CA SER A 157 -16.23 9.33 0.50
C SER A 157 -15.75 7.89 0.66
N SER A 158 -16.71 6.96 0.74
N SER A 158 -16.69 6.96 0.70
CA SER A 158 -16.40 5.54 0.70
CA SER A 158 -16.36 5.54 0.67
C SER A 158 -16.49 4.93 -0.72
C SER A 158 -16.49 4.92 -0.72
N GLU A 159 -16.76 5.75 -1.73
CA GLU A 159 -16.89 5.29 -3.11
C GLU A 159 -15.85 5.90 -4.04
N ASP A 160 -15.48 7.16 -3.79
CA ASP A 160 -14.58 7.91 -4.65
CA ASP A 160 -14.59 7.89 -4.65
C ASP A 160 -13.22 7.92 -3.99
N MET A 161 -12.45 6.87 -4.20
CA MET A 161 -11.06 6.80 -3.69
C MET A 161 -10.10 7.29 -4.78
N ASP A 162 -8.98 7.87 -4.35
CA ASP A 162 -8.05 8.51 -5.28
C ASP A 162 -6.58 8.30 -4.89
N HIS A 163 -6.28 7.34 -3.99
CA HIS A 163 -4.92 7.18 -3.47
C HIS A 163 -4.77 5.77 -2.93
N GLY A 164 -3.70 5.11 -3.37
CA GLY A 164 -3.35 3.76 -2.91
C GLY A 164 -2.32 3.86 -1.83
N VAL A 165 -2.58 3.17 -0.71
CA VAL A 165 -1.68 3.15 0.46
C VAL A 165 -1.65 1.72 1.03
N LEU A 166 -1.04 1.56 2.19
CA LEU A 166 -0.80 0.22 2.73
C LEU A 166 -1.25 0.18 4.19
N VAL A 167 -2.16 -0.73 4.54
CA VAL A 167 -2.50 -0.98 5.93
C VAL A 167 -1.50 -1.97 6.52
N VAL A 168 -0.79 -1.55 7.56
CA VAL A 168 0.21 -2.40 8.21
C VAL A 168 -0.24 -2.94 9.58
N GLY A 169 -1.43 -2.58 10.02
CA GLY A 169 -1.96 -2.98 11.30
C GLY A 169 -3.16 -2.17 11.69
N TYR A 170 -3.53 -2.28 12.96
CA TYR A 170 -4.66 -1.58 13.51
C TYR A 170 -4.55 -1.61 15.03
N GLY A 171 -5.33 -0.78 15.70
CA GLY A 171 -5.27 -0.72 17.15
C GLY A 171 -6.33 0.22 17.66
N PHE A 172 -6.10 0.73 18.86
CA PHE A 172 -7.05 1.61 19.51
C PHE A 172 -6.33 2.60 20.41
N GLU A 173 -6.93 3.78 20.62
CA GLU A 173 -6.37 4.77 21.51
C GLU A 173 -7.15 4.72 22.82
N SER A 174 -6.53 5.21 23.89
CA SER A 174 -7.12 5.20 25.22
C SER A 174 -7.44 3.74 25.61
N THR A 175 -8.66 3.46 26.05
CA THR A 175 -9.09 2.08 26.33
C THR A 175 -10.56 1.87 25.97
N ASN A 179 -15.49 5.07 19.05
CA ASN A 179 -14.84 5.85 17.99
C ASN A 179 -13.34 6.04 18.24
N ASN A 180 -12.71 5.06 18.90
CA ASN A 180 -11.27 5.14 19.21
C ASN A 180 -10.37 4.13 18.54
N LYS A 181 -10.93 3.36 17.62
CA LYS A 181 -10.13 2.44 16.85
C LYS A 181 -9.54 3.09 15.60
N TYR A 182 -8.42 2.55 15.14
CA TYR A 182 -7.73 3.04 13.95
C TYR A 182 -7.06 1.94 13.16
N TRP A 183 -6.90 2.22 11.87
CA TRP A 183 -6.04 1.49 10.99
C TRP A 183 -4.66 2.20 10.96
N LEU A 184 -3.59 1.43 11.01
CA LEU A 184 -2.24 1.97 10.82
C LEU A 184 -1.90 1.94 9.33
N VAL A 185 -1.75 3.13 8.74
CA VAL A 185 -1.60 3.27 7.29
C VAL A 185 -0.25 3.91 6.92
N LYS A 186 0.55 3.20 6.14
CA LYS A 186 1.80 3.69 5.59
C LYS A 186 1.49 4.47 4.29
N ASN A 187 1.89 5.74 4.25
CA ASN A 187 1.77 6.56 3.04
C ASN A 187 3.11 6.58 2.30
N SER A 188 3.14 7.26 1.15
CA SER A 188 4.33 7.34 0.28
C SER A 188 4.65 8.78 -0.01
N TRP A 189 4.53 9.61 1.02
CA TRP A 189 4.75 11.05 0.91
C TRP A 189 5.93 11.49 1.76
N GLY A 190 6.81 10.55 2.06
CA GLY A 190 7.98 10.79 2.88
C GLY A 190 7.65 10.86 4.36
N GLU A 191 8.72 10.95 5.15
N GLU A 191 8.71 10.94 5.16
CA GLU A 191 8.56 10.86 6.60
CA GLU A 191 8.58 10.91 6.62
C GLU A 191 8.22 12.20 7.26
C GLU A 191 8.05 12.20 7.21
N GLU A 192 8.22 13.30 6.50
CA GLU A 192 7.85 14.62 7.04
C GLU A 192 6.35 14.89 7.03
N TRP A 193 5.59 14.00 6.38
CA TRP A 193 4.12 14.06 6.37
C TRP A 193 3.56 13.15 7.48
N GLY A 194 2.52 13.58 8.17
CA GLY A 194 1.87 12.71 9.15
C GLY A 194 2.79 12.36 10.30
N MET A 195 2.62 11.13 10.80
N MET A 195 2.63 11.14 10.81
CA MET A 195 3.31 10.61 11.96
CA MET A 195 3.35 10.69 11.98
C MET A 195 4.50 9.82 11.44
C MET A 195 4.51 9.83 11.46
N GLY A 196 5.60 10.49 11.12
CA GLY A 196 6.70 9.80 10.46
C GLY A 196 6.35 9.15 9.13
N GLY A 197 5.36 9.68 8.44
CA GLY A 197 4.91 9.13 7.17
C GLY A 197 3.73 8.21 7.24
N TYR A 198 3.22 7.97 8.45
CA TYR A 198 2.06 7.14 8.76
C TYR A 198 0.85 8.01 9.16
N VAL A 199 -0.33 7.45 8.96
CA VAL A 199 -1.56 8.02 9.46
C VAL A 199 -2.39 6.93 10.14
N LYS A 200 -3.03 7.32 11.24
CA LYS A 200 -4.02 6.48 11.91
C LYS A 200 -5.38 6.87 11.36
N MET A 201 -5.93 6.02 10.50
N MET A 201 -5.99 5.99 10.58
CA MET A 201 -7.24 6.25 9.89
CA MET A 201 -7.26 6.32 9.95
C MET A 201 -8.36 5.72 10.81
C MET A 201 -8.44 5.67 10.66
N ALA A 202 -9.48 6.44 10.93
CA ALA A 202 -10.61 5.97 11.74
C ALA A 202 -11.04 4.56 11.26
N LYS A 203 -11.18 3.65 12.22
CA LYS A 203 -11.56 2.27 11.95
C LYS A 203 -12.91 1.97 12.60
N ASP A 204 -13.72 1.16 11.90
CA ASP A 204 -15.05 0.78 12.38
C ASP A 204 -15.96 1.98 12.58
N ARG A 205 -15.80 2.96 11.67
CA ARG A 205 -16.70 4.08 11.52
C ARG A 205 -17.30 4.04 10.10
N ARG A 206 -17.91 2.92 9.78
CA ARG A 206 -18.70 2.75 8.56
C ARG A 206 -17.84 3.00 7.30
N ASN A 207 -16.68 2.35 7.28
CA ASN A 207 -15.80 2.34 6.11
C ASN A 207 -15.37 3.76 5.73
N HIS A 208 -14.83 4.45 6.73
CA HIS A 208 -14.43 5.84 6.56
C HIS A 208 -13.36 5.99 5.49
N CYS A 209 -13.59 6.90 4.55
CA CYS A 209 -12.71 7.19 3.41
C CYS A 209 -12.52 6.02 2.47
N GLY A 210 -13.39 5.00 2.58
CA GLY A 210 -13.35 3.87 1.65
C GLY A 210 -12.24 2.86 1.84
N ILE A 211 -11.66 2.84 3.04
CA ILE A 211 -10.50 2.03 3.30
C ILE A 211 -10.69 0.51 3.05
N ALA A 212 -11.96 0.05 3.15
CA ALA A 212 -12.26 -1.35 2.85
C ALA A 212 -12.92 -1.56 1.50
N SER A 213 -13.02 -0.51 0.68
CA SER A 213 -13.71 -0.61 -0.61
C SER A 213 -12.92 -1.27 -1.74
N ALA A 214 -11.60 -1.28 -1.70
CA ALA A 214 -10.78 -1.89 -2.75
C ALA A 214 -9.45 -2.33 -2.15
N ALA A 215 -9.55 -3.28 -1.23
CA ALA A 215 -8.40 -3.81 -0.52
C ALA A 215 -7.97 -5.12 -1.14
N SER A 216 -6.67 -5.36 -1.22
CA SER A 216 -6.18 -6.55 -1.88
C SER A 216 -4.74 -6.82 -1.50
N TYR A 217 -4.28 -8.02 -1.83
CA TYR A 217 -2.89 -8.43 -1.59
C TYR A 217 -2.43 -9.46 -2.60
N PRO A 218 -1.12 -9.59 -2.85
CA PRO A 218 -0.59 -10.57 -3.80
C PRO A 218 -0.47 -11.91 -3.12
N THR A 219 -0.71 -12.96 -3.90
CA THR A 219 -0.46 -14.31 -3.43
C THR A 219 0.94 -14.66 -3.92
N VAL A 220 1.67 -15.43 -3.11
CA VAL A 220 3.06 -15.76 -3.39
C VAL A 220 3.32 -17.25 -3.24
#